data_8JOW
#
_entry.id   8JOW
#
_cell.length_a   43.520
_cell.length_b   43.560
_cell.length_c   63.520
_cell.angle_alpha   71.31
_cell.angle_beta   84.39
_cell.angle_gamma   87.57
#
_symmetry.space_group_name_H-M   'P 1'
#
loop_
_entity.id
_entity.type
_entity.pdbx_description
1 polymer 'Antibody (scFv)'
2 polymer ARG-PRO-HIS-PHE-PRO-GLN-PHE-SEP-TYR-SER-ALA-SER
3 non-polymer 'CHLORIDE ION'
4 water water
#
loop_
_entity_poly.entity_id
_entity_poly.type
_entity_poly.pdbx_seq_one_letter_code
_entity_poly.pdbx_strand_id
1 'polypeptide(L)'
;QEQLMESGGRLVTPGTPLTLTCTASGSDISTYSISWVRQAPGKGLEWIGHIGSSGTQYYASWAKGRFAISRASTTVDLRI
TGPTTEDTATYFCARRGVGYNLYYNMWGPGTLVTVSLGGGGSGGGGSGGGGSAIDMTQTPSPVSAAVGGTVTINCQASQS
VYNSKNLAWYQQKPGQPPKLLIYDSSTLASGVSSRFRGSGSGTQFTLTISGVQSDDAATYYCQGEFSCSSGDCAGFGGGT
EVVVEG
;
A,C
2 'polypeptide(L)' RPHFPQF(SEP)YSAS B,D
#
# COMPACT_ATOMS: atom_id res chain seq x y z
N GLN A 3 6.85 24.65 -1.04
CA GLN A 3 6.27 24.53 -2.41
C GLN A 3 6.52 23.12 -2.92
N LEU A 4 5.47 22.48 -3.47
CA LEU A 4 5.65 21.35 -4.38
C LEU A 4 5.77 21.84 -5.81
N MET A 5 6.55 21.09 -6.58
CA MET A 5 6.71 21.36 -8.00
CA MET A 5 6.70 21.37 -8.00
C MET A 5 6.68 20.04 -8.77
N GLU A 6 5.80 19.97 -9.79
CA GLU A 6 5.81 18.88 -10.76
C GLU A 6 6.71 19.24 -11.94
N SER A 7 7.43 18.26 -12.50
CA SER A 7 8.25 18.46 -13.68
C SER A 7 8.11 17.28 -14.65
N GLY A 8 8.45 17.52 -15.90
CA GLY A 8 8.69 16.47 -16.88
C GLY A 8 7.62 16.35 -17.98
N GLY A 9 6.55 17.13 -17.87
CA GLY A 9 5.50 17.13 -18.85
C GLY A 9 6.07 17.54 -20.20
N ARG A 10 5.71 16.82 -21.27
CA ARG A 10 5.99 17.27 -22.62
C ARG A 10 5.02 16.60 -23.58
N LEU A 11 5.21 16.89 -24.87
CA LEU A 11 4.47 16.24 -25.97
C LEU A 11 5.10 14.92 -26.35
N VAL A 12 4.34 13.82 -26.30
CA VAL A 12 4.81 12.50 -26.69
C VAL A 12 3.79 11.84 -27.62
N THR A 13 4.28 10.83 -28.38
CA THR A 13 3.43 9.97 -29.19
C THR A 13 2.81 8.85 -28.35
N PRO A 14 1.62 8.35 -28.71
CA PRO A 14 1.00 7.24 -27.98
C PRO A 14 1.96 6.09 -27.82
N GLY A 15 1.97 5.50 -26.63
CA GLY A 15 2.79 4.33 -26.36
C GLY A 15 4.17 4.66 -25.83
N THR A 16 4.51 5.94 -25.73
CA THR A 16 5.84 6.35 -25.27
C THR A 16 5.85 6.57 -23.76
N PRO A 17 6.49 5.69 -22.95
CA PRO A 17 6.53 5.88 -21.50
C PRO A 17 7.08 7.25 -21.15
N LEU A 18 6.45 7.91 -20.15
CA LEU A 18 6.87 9.21 -19.68
C LEU A 18 6.79 9.25 -18.16
N THR A 19 7.90 9.73 -17.54
CA THR A 19 7.96 9.94 -16.11
C THR A 19 7.88 11.43 -15.73
N LEU A 20 6.94 11.76 -14.84
CA LEU A 20 6.84 13.05 -14.17
C LEU A 20 7.42 12.95 -12.76
N THR A 21 7.99 14.04 -12.27
CA THR A 21 8.58 14.07 -10.95
C THR A 21 7.90 15.13 -10.08
N CYS A 22 7.93 14.88 -8.78
CA CYS A 22 7.36 15.71 -7.73
C CYS A 22 8.48 16.00 -6.72
N THR A 23 8.83 17.28 -6.58
CA THR A 23 9.90 17.72 -5.67
C THR A 23 9.35 18.85 -4.79
N ALA A 24 10.00 19.08 -3.61
CA ALA A 24 9.65 20.15 -2.68
C ALA A 24 10.86 21.07 -2.51
N SER A 25 10.63 22.34 -2.20
CA SER A 25 11.67 23.18 -1.64
C SER A 25 11.08 24.06 -0.54
N ASP A 28 11.14 18.83 3.27
CA ASP A 28 11.74 17.49 2.96
C ASP A 28 10.67 16.48 2.57
N ILE A 29 10.52 16.24 1.26
CA ILE A 29 9.50 15.34 0.73
C ILE A 29 9.62 13.90 1.26
N SER A 30 10.78 13.45 1.74
CA SER A 30 10.90 12.07 2.20
C SER A 30 9.97 11.77 3.38
N THR A 31 9.52 12.80 4.10
CA THR A 31 8.59 12.61 5.21
C THR A 31 7.14 12.69 4.73
N TYR A 32 6.91 13.04 3.46
CA TYR A 32 5.57 13.36 2.99
C TYR A 32 5.00 12.13 2.28
N SER A 33 3.68 11.84 2.43
CA SER A 33 2.95 10.97 1.50
C SER A 33 2.36 11.87 0.41
N ILE A 34 2.26 11.31 -0.79
CA ILE A 34 1.95 12.07 -2.01
C ILE A 34 0.95 11.30 -2.87
N SER A 35 -0.10 12.02 -3.31
CA SER A 35 -1.00 11.55 -4.38
C SER A 35 -0.72 12.27 -5.69
N TRP A 36 -0.99 11.57 -6.77
CA TRP A 36 -1.07 12.16 -8.10
C TRP A 36 -2.54 12.32 -8.53
N VAL A 37 -2.85 13.48 -9.15
CA VAL A 37 -4.22 13.88 -9.53
C VAL A 37 -4.09 14.51 -10.91
N ARG A 38 -5.03 14.29 -11.83
CA ARG A 38 -4.88 14.96 -13.10
C ARG A 38 -6.16 15.68 -13.45
N GLN A 39 -6.05 16.49 -14.52
CA GLN A 39 -7.17 17.30 -14.95
C GLN A 39 -7.08 17.49 -16.47
N ALA A 40 -7.96 16.84 -17.22
CA ALA A 40 -8.00 17.04 -18.67
C ALA A 40 -8.39 18.48 -18.96
N PRO A 41 -8.02 19.06 -20.13
CA PRO A 41 -8.36 20.46 -20.39
C PRO A 41 -9.86 20.77 -20.29
N GLY A 42 -10.17 21.71 -19.40
CA GLY A 42 -11.53 22.19 -19.15
C GLY A 42 -12.38 21.26 -18.30
N LYS A 43 -11.79 20.20 -17.73
CA LYS A 43 -12.54 19.18 -17.00
C LYS A 43 -12.15 19.22 -15.52
N GLY A 44 -12.64 18.23 -14.76
CA GLY A 44 -12.45 18.18 -13.33
C GLY A 44 -11.21 17.40 -12.89
N LEU A 45 -10.90 17.48 -11.60
CA LEU A 45 -9.80 16.72 -11.00
C LEU A 45 -10.16 15.25 -10.86
N GLU A 46 -9.16 14.38 -11.11
CA GLU A 46 -9.35 12.93 -11.02
C GLU A 46 -8.17 12.33 -10.29
N TRP A 47 -8.44 11.52 -9.26
CA TRP A 47 -7.38 10.91 -8.47
C TRP A 47 -6.76 9.75 -9.28
N ILE A 48 -5.43 9.63 -9.29
CA ILE A 48 -4.73 8.54 -9.96
C ILE A 48 -4.32 7.48 -8.93
N GLY A 49 -3.61 7.91 -7.89
CA GLY A 49 -3.19 7.02 -6.83
C GLY A 49 -2.33 7.76 -5.81
N HIS A 50 -1.80 7.00 -4.86
CA HIS A 50 -1.16 7.54 -3.65
C HIS A 50 0.02 6.65 -3.26
N ILE A 51 1.13 7.29 -2.84
CA ILE A 51 2.25 6.60 -2.23
C ILE A 51 2.56 7.16 -0.85
N GLY A 52 2.65 6.21 0.10
CA GLY A 52 2.99 6.46 1.48
C GLY A 52 4.44 6.92 1.64
N SER A 53 4.72 7.40 2.87
CA SER A 53 6.02 7.91 3.23
C SER A 53 7.10 6.85 3.07
N SER A 54 6.77 5.56 3.24
CA SER A 54 7.69 4.41 3.14
C SER A 54 7.44 3.54 1.90
N GLY A 55 6.65 4.07 0.97
CA GLY A 55 6.46 3.41 -0.34
C GLY A 55 5.21 2.55 -0.50
N THR A 56 4.27 2.56 0.45
CA THR A 56 3.04 1.80 0.29
C THR A 56 2.25 2.39 -0.88
N GLN A 57 1.68 1.56 -1.77
CA GLN A 57 1.05 2.04 -3.00
C GLN A 57 -0.47 1.77 -2.96
N TYR A 58 -1.24 2.79 -3.39
CA TYR A 58 -2.69 2.73 -3.59
C TYR A 58 -3.02 3.29 -4.97
N TYR A 59 -3.95 2.65 -5.70
CA TYR A 59 -4.35 3.10 -7.03
C TYR A 59 -5.87 3.23 -7.16
N ALA A 60 -6.29 4.22 -7.99
CA ALA A 60 -7.67 4.23 -8.51
C ALA A 60 -7.82 3.05 -9.45
N SER A 61 -8.96 2.36 -9.42
CA SER A 61 -9.11 1.16 -10.26
C SER A 61 -8.86 1.46 -11.74
N TRP A 62 -9.31 2.63 -12.25
CA TRP A 62 -9.13 2.94 -13.67
C TRP A 62 -7.64 3.12 -14.10
N ALA A 63 -6.79 3.42 -13.12
CA ALA A 63 -5.39 3.74 -13.34
C ALA A 63 -4.51 2.52 -13.38
N LYS A 64 -5.02 1.37 -12.94
CA LYS A 64 -4.20 0.17 -12.92
C LYS A 64 -3.67 -0.20 -14.30
N GLY A 65 -2.36 -0.44 -14.36
CA GLY A 65 -1.71 -0.80 -15.61
C GLY A 65 -1.45 0.40 -16.53
N ARG A 66 -1.82 1.63 -16.11
CA ARG A 66 -1.61 2.84 -16.90
C ARG A 66 -0.64 3.79 -16.21
N PHE A 67 -0.49 3.67 -14.89
CA PHE A 67 0.34 4.59 -14.10
C PHE A 67 1.06 3.81 -13.01
N ALA A 68 2.34 4.11 -12.80
CA ALA A 68 3.14 3.45 -11.76
C ALA A 68 3.86 4.50 -10.91
N ILE A 69 3.51 4.56 -9.62
CA ILE A 69 4.05 5.56 -8.70
C ILE A 69 5.22 4.94 -7.93
N SER A 70 6.33 5.69 -7.83
CA SER A 70 7.49 5.22 -7.09
C SER A 70 8.10 6.40 -6.36
N ARG A 71 9.07 6.10 -5.47
CA ARG A 71 9.78 7.20 -4.80
C ARG A 71 11.17 6.73 -4.34
N ALA A 72 12.02 7.74 -4.09
CA ALA A 72 13.32 7.53 -3.48
C ALA A 72 13.85 8.89 -3.02
N SER A 73 14.54 8.91 -1.87
CA SER A 73 15.20 10.08 -1.30
C SER A 73 14.36 11.34 -1.49
N THR A 74 14.78 12.16 -2.45
CA THR A 74 14.30 13.51 -2.70
C THR A 74 13.10 13.67 -3.64
N THR A 75 12.50 12.61 -4.13
CA THR A 75 11.60 12.76 -5.27
C THR A 75 10.49 11.71 -5.25
N VAL A 76 9.30 12.09 -5.70
CA VAL A 76 8.24 11.09 -5.92
C VAL A 76 7.90 11.11 -7.41
N ASP A 77 7.87 9.94 -8.07
CA ASP A 77 7.72 9.88 -9.52
C ASP A 77 6.42 9.21 -9.94
N LEU A 78 5.94 9.59 -11.14
CA LEU A 78 4.77 8.98 -11.77
C LEU A 78 5.19 8.56 -13.18
N ARG A 79 5.16 7.27 -13.45
CA ARG A 79 5.41 6.79 -14.79
C ARG A 79 4.04 6.60 -15.43
N ILE A 80 3.85 7.25 -16.60
CA ILE A 80 2.71 7.01 -17.47
C ILE A 80 3.10 5.89 -18.43
N THR A 81 2.56 4.68 -18.17
CA THR A 81 3.11 3.42 -18.67
C THR A 81 3.09 3.31 -20.20
N GLY A 82 1.93 3.60 -20.80
CA GLY A 82 1.71 3.45 -22.24
C GLY A 82 0.64 4.45 -22.69
N PRO A 83 1.01 5.73 -22.81
CA PRO A 83 0.02 6.80 -22.95
C PRO A 83 -0.81 6.77 -24.24
N THR A 84 -2.01 7.35 -24.13
CA THR A 84 -2.91 7.59 -25.28
C THR A 84 -3.40 9.03 -25.22
N THR A 85 -4.16 9.46 -26.24
CA THR A 85 -4.74 10.78 -26.17
C THR A 85 -5.70 10.93 -24.99
N GLU A 86 -6.19 9.82 -24.43
CA GLU A 86 -6.99 9.84 -23.19
C GLU A 86 -6.21 10.47 -22.00
N ASP A 87 -4.88 10.59 -22.13
CA ASP A 87 -4.00 10.96 -21.03
C ASP A 87 -3.51 12.40 -21.14
N THR A 88 -3.88 13.14 -22.22
CA THR A 88 -3.60 14.56 -22.32
C THR A 88 -4.23 15.28 -21.14
N ALA A 89 -3.43 15.97 -20.30
CA ALA A 89 -3.97 16.52 -19.04
C ALA A 89 -2.87 17.27 -18.32
N THR A 90 -3.24 18.12 -17.36
CA THR A 90 -2.27 18.61 -16.41
C THR A 90 -2.21 17.63 -15.22
N TYR A 91 -1.01 17.26 -14.79
CA TYR A 91 -0.77 16.36 -13.68
C TYR A 91 -0.25 17.11 -12.47
N PHE A 92 -0.87 16.84 -11.34
CA PHE A 92 -0.56 17.49 -10.08
C PHE A 92 -0.07 16.45 -9.09
N CYS A 93 0.86 16.85 -8.24
CA CYS A 93 1.16 16.12 -7.01
C CYS A 93 0.65 16.89 -5.79
N ALA A 94 0.25 16.15 -4.76
CA ALA A 94 -0.40 16.78 -3.63
C ALA A 94 -0.01 16.02 -2.37
N ARG A 95 0.39 16.75 -1.32
CA ARG A 95 0.79 16.17 -0.04
C ARG A 95 -0.42 16.00 0.88
N ARG A 96 -0.52 14.82 1.52
CA ARG A 96 -1.58 14.59 2.50
C ARG A 96 -1.28 15.42 3.74
N GLY A 97 -2.34 16.04 4.33
CA GLY A 97 -2.16 16.84 5.52
C GLY A 97 -1.99 15.98 6.77
N VAL A 98 -1.91 16.64 7.96
CA VAL A 98 -1.70 15.95 9.23
C VAL A 98 -2.84 14.99 9.59
N GLY A 99 -2.45 13.84 10.18
CA GLY A 99 -3.36 12.86 10.72
C GLY A 99 -3.40 11.56 9.92
N TYR A 100 -4.62 10.99 9.83
CA TYR A 100 -4.86 9.70 9.21
C TYR A 100 -5.80 9.78 8.02
N ASN A 101 -6.34 10.98 7.70
CA ASN A 101 -7.36 11.09 6.69
C ASN A 101 -6.77 11.55 5.35
N LEU A 102 -7.38 11.12 4.24
CA LEU A 102 -6.89 11.46 2.91
C LEU A 102 -7.51 12.78 2.43
N TYR A 103 -6.78 13.88 2.70
CA TYR A 103 -7.02 15.19 2.12
C TYR A 103 -5.64 15.82 1.93
N TYR A 104 -5.59 16.88 1.10
CA TYR A 104 -4.30 17.41 0.68
C TYR A 104 -4.18 18.85 1.15
N ASN A 105 -3.04 19.20 1.77
CA ASN A 105 -2.86 20.55 2.29
C ASN A 105 -1.93 21.35 1.38
N MET A 106 -1.25 20.70 0.43
CA MET A 106 -0.34 21.41 -0.46
C MET A 106 -0.37 20.72 -1.82
N TRP A 107 -0.42 21.53 -2.90
CA TRP A 107 -0.40 21.10 -4.29
C TRP A 107 0.74 21.83 -5.02
N GLY A 108 1.22 21.25 -6.11
CA GLY A 108 1.99 22.00 -7.08
C GLY A 108 1.06 22.65 -8.10
N PRO A 109 1.61 23.51 -8.98
CA PRO A 109 0.82 24.16 -10.02
C PRO A 109 0.54 23.30 -11.25
N GLY A 110 1.13 22.11 -11.32
CA GLY A 110 0.88 21.16 -12.39
C GLY A 110 1.97 21.16 -13.47
N THR A 111 2.09 20.00 -14.14
CA THR A 111 2.88 19.88 -15.37
C THR A 111 1.98 19.34 -16.49
N LEU A 112 2.08 19.92 -17.69
CA LEU A 112 1.20 19.59 -18.81
C LEU A 112 1.80 18.45 -19.65
N VAL A 113 1.02 17.40 -19.89
CA VAL A 113 1.36 16.32 -20.77
C VAL A 113 0.40 16.39 -21.95
N THR A 114 0.97 16.28 -23.16
CA THR A 114 0.17 16.17 -24.37
C THR A 114 0.59 14.91 -25.10
N VAL A 115 -0.42 14.10 -25.45
CA VAL A 115 -0.20 12.86 -26.21
C VAL A 115 -0.87 13.03 -27.56
N SER A 116 -0.10 12.86 -28.64
CA SER A 116 -0.63 13.07 -29.99
C SER A 116 0.17 12.26 -30.99
N LEU A 117 -0.48 11.79 -32.07
CA LEU A 117 0.25 11.20 -33.17
C LEU A 117 1.11 12.27 -33.84
N GLY A 118 0.68 13.54 -33.74
CA GLY A 118 1.51 14.70 -34.00
C GLY A 118 1.91 15.43 -32.73
N ALA A 133 -17.53 2.64 -8.33
CA ALA A 133 -18.56 3.42 -9.06
C ALA A 133 -19.04 4.63 -8.23
N ILE A 134 -18.12 5.59 -7.99
CA ILE A 134 -18.45 6.71 -7.12
C ILE A 134 -18.83 7.93 -7.92
N ASP A 135 -20.00 8.50 -7.61
CA ASP A 135 -20.38 9.79 -8.18
C ASP A 135 -20.44 10.84 -7.10
N MET A 136 -19.77 11.97 -7.32
CA MET A 136 -19.88 13.16 -6.48
C MET A 136 -20.41 14.33 -7.33
N THR A 137 -21.66 14.72 -7.07
CA THR A 137 -22.39 15.66 -7.91
C THR A 137 -22.42 16.97 -7.16
N GLN A 138 -21.89 18.03 -7.77
CA GLN A 138 -21.93 19.36 -7.22
C GLN A 138 -22.96 20.22 -7.95
N THR A 139 -23.31 21.36 -7.34
CA THR A 139 -24.06 22.41 -8.02
C THR A 139 -23.54 22.62 -9.44
N PRO A 140 -24.43 22.78 -10.43
CA PRO A 140 -24.01 23.04 -11.80
C PRO A 140 -23.29 24.38 -11.95
N SER A 141 -22.29 24.41 -12.86
CA SER A 141 -21.59 25.60 -13.25
C SER A 141 -22.34 26.34 -14.37
N PRO A 142 -22.27 27.68 -14.39
CA PRO A 142 -21.67 28.48 -13.32
C PRO A 142 -22.71 28.87 -12.31
N VAL A 143 -22.28 29.26 -11.10
CA VAL A 143 -23.17 29.89 -10.14
CA VAL A 143 -23.14 29.87 -10.10
C VAL A 143 -22.74 31.34 -10.00
N SER A 144 -23.71 32.24 -10.07
CA SER A 144 -23.45 33.67 -9.98
C SER A 144 -23.60 34.15 -8.54
N ALA A 145 -22.71 35.05 -8.12
CA ALA A 145 -22.79 35.69 -6.82
C ALA A 145 -22.42 37.18 -6.95
N ALA A 146 -23.10 38.02 -6.18
CA ALA A 146 -22.78 39.45 -6.17
C ALA A 146 -21.76 39.75 -5.08
N VAL A 147 -20.92 40.76 -5.30
CA VAL A 147 -19.97 41.18 -4.29
C VAL A 147 -20.73 41.52 -3.00
N GLY A 148 -20.21 41.04 -1.86
CA GLY A 148 -20.84 41.28 -0.56
C GLY A 148 -21.90 40.26 -0.20
N GLY A 149 -22.33 39.42 -1.16
CA GLY A 149 -23.38 38.45 -0.92
C GLY A 149 -22.83 37.14 -0.36
N THR A 150 -23.71 36.13 -0.34
CA THR A 150 -23.43 34.81 0.21
C THR A 150 -23.94 33.78 -0.79
N VAL A 151 -23.10 32.78 -1.07
CA VAL A 151 -23.46 31.71 -1.97
C VAL A 151 -23.16 30.37 -1.29
N THR A 152 -24.03 29.37 -1.54
CA THR A 152 -23.85 28.01 -1.04
C THR A 152 -23.72 27.06 -2.23
N ILE A 153 -22.77 26.11 -2.13
CA ILE A 153 -22.43 25.13 -3.14
C ILE A 153 -22.70 23.73 -2.54
N ASN A 154 -23.45 22.89 -3.29
CA ASN A 154 -23.83 21.55 -2.87
C ASN A 154 -22.82 20.50 -3.37
N CYS A 155 -22.68 19.43 -2.57
CA CYS A 155 -21.85 18.28 -2.91
C CYS A 155 -22.55 17.04 -2.38
N GLN A 156 -23.00 16.20 -3.30
CA GLN A 156 -23.69 14.98 -2.93
C GLN A 156 -22.87 13.78 -3.40
N ALA A 157 -22.58 12.84 -2.50
CA ALA A 157 -21.85 11.63 -2.90
C ALA A 157 -22.76 10.40 -2.96
N SER A 158 -22.56 9.57 -3.98
CA SER A 158 -23.35 8.38 -4.20
C SER A 158 -23.23 7.38 -3.05
N GLN A 159 -22.06 7.30 -2.41
CA GLN A 159 -21.87 6.50 -1.22
C GLN A 159 -21.25 7.41 -0.18
N SER A 160 -21.36 7.06 1.10
CA SER A 160 -20.88 7.96 2.14
C SER A 160 -19.36 8.05 2.17
N VAL A 161 -18.85 9.20 2.59
CA VAL A 161 -17.43 9.40 2.80
C VAL A 161 -17.00 8.64 4.06
N TYR A 162 -15.70 8.26 4.10
CA TYR A 162 -15.19 7.43 5.15
C TYR A 162 -15.34 8.12 6.50
N ASN A 163 -15.77 7.31 7.47
CA ASN A 163 -15.95 7.77 8.84
C ASN A 163 -16.87 8.99 8.89
N SER A 164 -17.83 9.08 7.92
CA SER A 164 -18.88 10.11 7.93
C SER A 164 -18.41 11.50 7.53
N LYS A 165 -17.19 11.93 7.91
CA LYS A 165 -16.83 13.33 7.80
CA LYS A 165 -16.83 13.33 7.81
C LYS A 165 -15.55 13.57 6.99
N ASN A 166 -14.97 12.53 6.36
CA ASN A 166 -13.67 12.71 5.68
C ASN A 166 -13.87 13.35 4.30
N LEU A 167 -14.17 14.65 4.24
CA LEU A 167 -14.48 15.42 3.03
C LEU A 167 -13.77 16.76 3.09
N ALA A 168 -13.14 17.16 2.00
CA ALA A 168 -12.40 18.39 1.90
C ALA A 168 -12.96 19.22 0.73
N TRP A 169 -12.66 20.51 0.77
CA TRP A 169 -12.97 21.46 -0.29
C TRP A 169 -11.68 22.18 -0.72
N TYR A 170 -11.56 22.39 -2.03
CA TYR A 170 -10.46 23.12 -2.65
C TYR A 170 -10.99 24.23 -3.55
N GLN A 171 -10.23 25.32 -3.61
CA GLN A 171 -10.40 26.42 -4.56
C GLN A 171 -9.31 26.29 -5.62
N GLN A 172 -9.71 26.34 -6.90
CA GLN A 172 -8.82 26.32 -8.03
C GLN A 172 -9.10 27.48 -8.99
N LYS A 173 -8.04 28.27 -9.22
CA LYS A 173 -7.94 29.28 -10.26
C LYS A 173 -7.04 28.78 -11.39
N PRO A 174 -7.26 29.21 -12.65
CA PRO A 174 -6.40 28.81 -13.79
C PRO A 174 -4.90 28.95 -13.51
N GLY A 175 -4.13 27.86 -13.73
CA GLY A 175 -2.66 27.89 -13.67
C GLY A 175 -2.08 27.93 -12.26
N GLN A 176 -2.95 27.90 -11.23
CA GLN A 176 -2.48 28.03 -9.87
C GLN A 176 -2.67 26.72 -9.14
N PRO A 177 -1.83 26.42 -8.13
CA PRO A 177 -2.04 25.25 -7.29
C PRO A 177 -3.45 25.31 -6.70
N PRO A 178 -4.25 24.21 -6.75
CA PRO A 178 -5.46 24.12 -5.93
C PRO A 178 -5.11 24.45 -4.48
N LYS A 179 -6.04 25.07 -3.79
CA LYS A 179 -5.80 25.52 -2.45
C LYS A 179 -6.80 24.81 -1.54
N LEU A 180 -6.30 24.20 -0.46
CA LEU A 180 -7.22 23.63 0.52
C LEU A 180 -7.94 24.74 1.29
N LEU A 181 -9.27 24.58 1.45
CA LEU A 181 -10.10 25.54 2.21
C LEU A 181 -10.58 24.89 3.50
N ILE A 182 -11.16 23.68 3.39
CA ILE A 182 -11.84 22.97 4.47
C ILE A 182 -11.41 21.52 4.41
N TYR A 183 -11.21 20.89 5.56
CA TYR A 183 -11.03 19.44 5.64
C TYR A 183 -11.89 18.88 6.77
N ASP A 184 -12.04 17.55 6.81
CA ASP A 184 -12.89 16.89 7.81
C ASP A 184 -14.29 17.54 7.90
N SER A 185 -14.84 17.88 6.71
CA SER A 185 -16.16 18.47 6.51
CA SER A 185 -16.17 18.47 6.54
C SER A 185 -16.29 19.94 6.96
N SER A 186 -15.67 20.32 8.11
CA SER A 186 -15.93 21.64 8.69
C SER A 186 -14.70 22.37 9.24
N THR A 187 -13.50 21.75 9.22
CA THR A 187 -12.31 22.37 9.79
C THR A 187 -11.67 23.34 8.76
N LEU A 188 -11.50 24.60 9.15
CA LEU A 188 -10.88 25.62 8.30
C LEU A 188 -9.37 25.34 8.24
N ALA A 189 -8.83 25.29 7.01
CA ALA A 189 -7.40 25.12 6.77
C ALA A 189 -6.63 26.32 7.32
N SER A 190 -5.39 26.09 7.73
CA SER A 190 -4.51 27.16 8.20
C SER A 190 -4.43 28.32 7.20
N GLY A 191 -4.69 29.54 7.69
CA GLY A 191 -4.46 30.73 6.90
C GLY A 191 -5.64 31.11 6.00
N VAL A 192 -6.67 30.28 5.93
CA VAL A 192 -7.81 30.55 5.08
C VAL A 192 -8.81 31.44 5.83
N SER A 193 -9.40 32.37 5.07
CA SER A 193 -10.44 33.27 5.55
C SER A 193 -11.61 32.51 6.17
N SER A 194 -12.14 33.02 7.31
CA SER A 194 -13.29 32.39 7.95
C SER A 194 -14.59 32.72 7.21
N ARG A 195 -14.50 33.43 6.09
CA ARG A 195 -15.63 33.66 5.20
C ARG A 195 -16.10 32.35 4.55
N PHE A 196 -15.25 31.30 4.63
CA PHE A 196 -15.54 29.97 4.11
C PHE A 196 -15.96 29.04 5.25
N ARG A 197 -17.17 28.44 5.12
CA ARG A 197 -17.70 27.48 6.07
C ARG A 197 -18.06 26.20 5.30
N GLY A 198 -17.61 25.06 5.88
CA GLY A 198 -17.98 23.72 5.43
C GLY A 198 -18.99 23.11 6.40
N SER A 199 -19.99 22.41 5.86
CA SER A 199 -21.00 21.74 6.67
C SER A 199 -21.36 20.42 6.02
N GLY A 200 -22.05 19.55 6.76
CA GLY A 200 -22.56 18.29 6.21
C GLY A 200 -21.94 17.05 6.86
N SER A 201 -22.42 15.92 6.39
CA SER A 201 -22.06 14.61 6.90
C SER A 201 -22.55 13.52 5.97
N GLY A 202 -21.83 12.40 5.93
CA GLY A 202 -22.25 11.22 5.21
C GLY A 202 -22.17 11.37 3.69
N THR A 203 -23.33 11.65 3.08
CA THR A 203 -23.50 11.80 1.64
C THR A 203 -23.77 13.25 1.20
N GLN A 204 -23.96 14.19 2.11
CA GLN A 204 -24.48 15.50 1.80
C GLN A 204 -23.64 16.60 2.46
N PHE A 205 -23.10 17.52 1.65
CA PHE A 205 -22.18 18.53 2.12
C PHE A 205 -22.43 19.87 1.44
N THR A 206 -22.07 20.95 2.16
CA THR A 206 -22.16 22.31 1.60
C THR A 206 -20.87 23.10 1.88
N LEU A 207 -20.52 23.96 0.92
CA LEU A 207 -19.57 25.03 1.13
C LEU A 207 -20.33 26.36 1.07
N THR A 208 -20.18 27.20 2.10
CA THR A 208 -20.76 28.55 2.14
C THR A 208 -19.66 29.59 2.08
N ILE A 209 -19.76 30.50 1.09
CA ILE A 209 -18.89 31.66 0.93
C ILE A 209 -19.69 32.90 1.31
N SER A 210 -19.29 33.53 2.42
CA SER A 210 -19.90 34.74 2.94
C SER A 210 -19.10 35.97 2.50
N GLY A 211 -19.75 37.13 2.37
CA GLY A 211 -18.99 38.33 2.07
C GLY A 211 -18.20 38.19 0.78
N VAL A 212 -18.85 37.70 -0.27
CA VAL A 212 -18.19 37.36 -1.52
C VAL A 212 -17.35 38.54 -2.00
N GLN A 213 -16.18 38.21 -2.56
CA GLN A 213 -15.25 39.18 -3.12
C GLN A 213 -14.91 38.77 -4.55
N SER A 214 -14.50 39.74 -5.36
CA SER A 214 -14.11 39.52 -6.75
C SER A 214 -13.14 38.35 -6.89
N ASP A 215 -12.20 38.25 -5.94
CA ASP A 215 -11.14 37.27 -5.94
C ASP A 215 -11.64 35.86 -5.57
N ASP A 216 -12.92 35.71 -5.23
CA ASP A 216 -13.46 34.39 -4.94
C ASP A 216 -13.85 33.67 -6.23
N ALA A 217 -13.83 34.38 -7.37
CA ALA A 217 -14.09 33.74 -8.66
C ALA A 217 -13.07 32.63 -8.88
N ALA A 218 -13.55 31.38 -9.03
CA ALA A 218 -12.73 30.19 -9.02
C ALA A 218 -13.65 29.01 -9.26
N THR A 219 -13.08 27.83 -9.47
CA THR A 219 -13.84 26.59 -9.43
C THR A 219 -13.58 25.97 -8.08
N TYR A 220 -14.66 25.49 -7.48
CA TYR A 220 -14.61 24.83 -6.17
C TYR A 220 -14.88 23.33 -6.31
N TYR A 221 -14.04 22.50 -5.68
CA TYR A 221 -14.12 21.05 -5.70
C TYR A 221 -14.28 20.49 -4.30
N CYS A 222 -15.27 19.59 -4.14
CA CYS A 222 -15.28 18.72 -2.96
C CYS A 222 -14.49 17.45 -3.26
N GLN A 223 -13.99 16.78 -2.22
CA GLN A 223 -13.12 15.63 -2.40
C GLN A 223 -13.29 14.73 -1.19
N GLY A 224 -13.73 13.51 -1.45
CA GLY A 224 -13.94 12.57 -0.37
C GLY A 224 -12.79 11.58 -0.25
N GLU A 225 -12.54 11.12 0.99
CA GLU A 225 -11.93 9.80 1.23
C GLU A 225 -13.05 8.78 1.31
N PHE A 226 -12.84 7.59 0.72
CA PHE A 226 -13.87 6.58 0.79
C PHE A 226 -13.29 5.24 1.25
N SER A 227 -14.14 4.35 1.78
CA SER A 227 -13.75 3.00 2.12
C SER A 227 -13.02 2.35 0.94
N CYS A 228 -11.75 1.98 1.15
CA CYS A 228 -10.92 1.41 0.09
C CYS A 228 -11.42 0.03 -0.35
N SER A 229 -12.18 -0.69 0.51
CA SER A 229 -12.81 -1.94 0.15
C SER A 229 -14.16 -1.75 -0.54
N SER A 230 -14.62 -0.51 -0.74
CA SER A 230 -15.92 -0.28 -1.38
C SER A 230 -15.78 0.35 -2.78
N GLY A 231 -14.54 0.50 -3.25
CA GLY A 231 -14.24 1.25 -4.44
C GLY A 231 -12.94 2.02 -4.20
N ASP A 232 -12.73 3.06 -4.99
CA ASP A 232 -11.51 3.82 -4.86
C ASP A 232 -11.41 4.52 -3.50
N CYS A 233 -10.19 4.78 -3.03
CA CYS A 233 -9.95 5.39 -1.73
C CYS A 233 -10.32 6.88 -1.72
N ALA A 234 -10.38 7.50 -2.90
CA ALA A 234 -10.65 8.93 -3.06
C ALA A 234 -11.50 9.19 -4.31
N GLY A 235 -12.27 10.29 -4.23
CA GLY A 235 -12.93 10.78 -5.41
C GLY A 235 -13.11 12.29 -5.30
N PHE A 236 -13.47 12.93 -6.41
CA PHE A 236 -13.73 14.36 -6.48
C PHE A 236 -15.09 14.62 -7.12
N GLY A 237 -15.71 15.70 -6.64
CA GLY A 237 -16.86 16.25 -7.35
C GLY A 237 -16.45 16.88 -8.67
N GLY A 238 -17.44 17.21 -9.51
CA GLY A 238 -17.17 17.72 -10.85
C GLY A 238 -16.70 19.18 -10.91
N GLY A 239 -16.75 19.92 -9.77
CA GLY A 239 -16.36 21.32 -9.72
C GLY A 239 -17.57 22.23 -9.93
N THR A 240 -17.64 23.34 -9.16
CA THR A 240 -18.62 24.41 -9.35
C THR A 240 -17.85 25.71 -9.54
N GLU A 241 -18.00 26.32 -10.73
CA GLU A 241 -17.40 27.64 -10.99
C GLU A 241 -18.34 28.72 -10.42
N VAL A 242 -17.75 29.62 -9.63
CA VAL A 242 -18.41 30.80 -9.11
C VAL A 242 -17.96 31.99 -9.94
N VAL A 243 -18.93 32.76 -10.44
CA VAL A 243 -18.69 33.98 -11.19
C VAL A 243 -19.19 35.13 -10.34
N VAL A 244 -18.37 36.17 -10.17
CA VAL A 244 -18.74 37.27 -9.30
C VAL A 244 -19.12 38.51 -10.11
N GLU A 245 -20.38 38.96 -9.92
CA GLU A 245 -20.87 40.30 -10.26
C GLU A 245 -20.19 41.34 -9.36
N ARG B 1 -15.97 3.53 20.47
CA ARG B 1 -16.10 3.44 18.99
C ARG B 1 -14.75 3.05 18.39
N PRO B 2 -14.65 1.90 17.71
CA PRO B 2 -13.44 1.55 16.95
C PRO B 2 -13.14 2.53 15.81
N HIS B 3 -11.89 2.97 15.70
CA HIS B 3 -11.45 3.72 14.53
C HIS B 3 -10.45 2.88 13.75
N PHE B 4 -10.66 2.90 12.43
CA PHE B 4 -9.95 2.08 11.46
C PHE B 4 -9.31 3.01 10.42
N PRO B 5 -8.18 3.71 10.72
CA PRO B 5 -7.52 4.54 9.72
C PRO B 5 -7.11 3.69 8.53
N GLN B 6 -7.23 4.28 7.33
CA GLN B 6 -6.84 3.60 6.10
C GLN B 6 -5.43 3.97 5.61
N PHE B 7 -4.80 4.95 6.29
CA PHE B 7 -3.48 5.45 5.95
C PHE B 7 -2.64 5.55 7.21
N TYR B 9 0.04 7.35 9.85
CA TYR B 9 0.06 8.69 10.44
C TYR B 9 0.91 9.62 9.57
N SER B 10 0.41 10.81 9.31
CA SER B 10 1.14 11.86 8.62
C SER B 10 1.42 13.02 9.56
N ALA B 11 2.69 13.44 9.71
CA ALA B 11 3.07 14.61 10.52
C ALA B 11 3.11 15.86 9.65
N SER B 12 3.08 15.68 8.32
CA SER B 12 3.09 16.79 7.38
C SER B 12 1.74 16.90 6.66
N GLN C 3 -7.02 -24.59 2.52
CA GLN C 3 -5.69 -24.70 1.85
C GLN C 3 -5.50 -23.63 0.79
N LEU C 4 -4.30 -23.04 0.73
CA LEU C 4 -3.92 -22.24 -0.44
C LEU C 4 -3.23 -23.13 -1.46
N MET C 5 -3.26 -22.66 -2.72
CA MET C 5 -2.60 -23.36 -3.81
CA MET C 5 -2.62 -23.35 -3.83
C MET C 5 -2.03 -22.33 -4.81
N GLU C 6 -0.72 -22.45 -5.09
CA GLU C 6 -0.05 -21.69 -6.09
C GLU C 6 -0.03 -22.46 -7.40
N SER C 7 -0.23 -21.73 -8.51
CA SER C 7 -0.22 -22.34 -9.82
C SER C 7 0.61 -21.50 -10.79
N GLY C 8 1.02 -22.09 -11.92
CA GLY C 8 1.58 -21.35 -13.05
C GLY C 8 3.09 -21.49 -13.25
N GLY C 9 3.79 -22.13 -12.32
CA GLY C 9 5.24 -22.28 -12.47
C GLY C 9 5.56 -23.14 -13.68
N ARG C 10 6.56 -22.73 -14.48
CA ARG C 10 7.09 -23.56 -15.55
C ARG C 10 8.52 -23.11 -15.87
N LEU C 11 9.10 -23.77 -16.85
CA LEU C 11 10.43 -23.43 -17.39
C LEU C 11 10.28 -22.33 -18.43
N VAL C 12 10.99 -21.21 -18.23
CA VAL C 12 10.94 -20.09 -19.17
C VAL C 12 12.37 -19.63 -19.43
N THR C 13 12.50 -18.90 -20.55
CA THR C 13 13.75 -18.26 -20.89
C THR C 13 13.85 -16.88 -20.24
N PRO C 14 15.08 -16.40 -20.00
CA PRO C 14 15.23 -15.08 -19.40
C PRO C 14 14.51 -14.02 -20.22
N GLY C 15 13.85 -13.10 -19.50
CA GLY C 15 13.12 -12.03 -20.15
C GLY C 15 11.64 -12.31 -20.35
N THR C 16 11.21 -13.57 -20.20
CA THR C 16 9.84 -13.96 -20.55
C THR C 16 8.93 -13.72 -19.35
N PRO C 17 8.01 -12.70 -19.38
CA PRO C 17 7.11 -12.47 -18.26
C PRO C 17 6.33 -13.72 -17.92
N LEU C 18 6.16 -14.00 -16.62
CA LEU C 18 5.40 -15.13 -16.15
C LEU C 18 4.54 -14.72 -14.97
N THR C 19 3.26 -15.13 -15.02
CA THR C 19 2.30 -14.90 -13.94
C THR C 19 2.01 -16.20 -13.20
N LEU C 20 2.15 -16.15 -11.85
CA LEU C 20 1.75 -17.18 -10.94
C LEU C 20 0.42 -16.76 -10.26
N THR C 21 -0.42 -17.73 -9.88
CA THR C 21 -1.70 -17.45 -9.25
C THR C 21 -1.75 -18.12 -7.86
N CYS C 22 -2.55 -17.53 -6.97
CA CYS C 22 -2.80 -17.99 -5.62
C CYS C 22 -4.31 -18.08 -5.46
N THR C 23 -4.83 -19.27 -5.15
CA THR C 23 -6.24 -19.51 -4.96
C THR C 23 -6.44 -20.28 -3.66
N ALA C 24 -7.67 -20.26 -3.14
CA ALA C 24 -7.97 -20.97 -1.89
C ALA C 24 -9.13 -21.93 -2.13
N SER C 25 -9.12 -23.03 -1.39
CA SER C 25 -10.21 -24.00 -1.41
C SER C 25 -11.40 -23.44 -0.62
N ASP C 28 -13.19 -17.93 0.68
CA ASP C 28 -13.24 -16.69 -0.16
C ASP C 28 -11.96 -15.88 0.05
N ILE C 29 -11.10 -15.87 -0.96
CA ILE C 29 -9.80 -15.22 -0.87
C ILE C 29 -9.96 -13.70 -0.86
N SER C 30 -11.11 -13.16 -1.28
CA SER C 30 -11.21 -11.72 -1.45
C SER C 30 -11.16 -10.99 -0.10
N THR C 31 -11.34 -11.72 1.00
CA THR C 31 -11.23 -11.13 2.33
C THR C 31 -9.78 -11.22 2.84
N TYR C 32 -8.91 -11.96 2.14
CA TYR C 32 -7.57 -12.29 2.64
C TYR C 32 -6.55 -11.31 2.11
N SER C 33 -5.62 -10.89 2.96
CA SER C 33 -4.38 -10.29 2.46
C SER C 33 -3.33 -11.39 2.31
N ILE C 34 -2.45 -11.19 1.31
CA ILE C 34 -1.58 -12.25 0.79
C ILE C 34 -0.19 -11.68 0.51
N SER C 35 0.85 -12.38 1.02
CA SER C 35 2.24 -12.12 0.63
C SER C 35 2.71 -13.21 -0.34
N TRP C 36 3.67 -12.86 -1.17
CA TRP C 36 4.48 -13.83 -1.92
C TRP C 36 5.88 -13.93 -1.29
N VAL C 37 6.35 -15.16 -1.17
CA VAL C 37 7.63 -15.51 -0.57
C VAL C 37 8.29 -16.53 -1.50
N ARG C 38 9.62 -16.51 -1.69
CA ARG C 38 10.23 -17.53 -2.52
C ARG C 38 11.41 -18.19 -1.84
N GLN C 39 11.88 -19.29 -2.48
CA GLN C 39 12.94 -20.10 -1.89
C GLN C 39 13.75 -20.74 -3.02
N ALA C 40 14.96 -20.21 -3.25
CA ALA C 40 15.86 -20.82 -4.23
C ALA C 40 16.19 -22.23 -3.76
N PRO C 41 16.43 -23.18 -4.68
CA PRO C 41 16.73 -24.56 -4.29
C PRO C 41 17.81 -24.64 -3.18
N GLY C 42 17.50 -25.34 -2.09
CA GLY C 42 18.44 -25.53 -1.02
C GLY C 42 18.65 -24.31 -0.11
N LYS C 43 17.93 -23.19 -0.35
CA LYS C 43 18.17 -21.92 0.32
CA LYS C 43 18.17 -21.92 0.32
C LYS C 43 16.99 -21.57 1.22
N GLY C 44 17.04 -20.38 1.80
CA GLY C 44 16.05 -19.90 2.75
C GLY C 44 14.85 -19.21 2.11
N LEU C 45 13.86 -18.92 2.93
CA LEU C 45 12.70 -18.14 2.52
C LEU C 45 13.05 -16.67 2.39
N GLU C 46 12.51 -16.02 1.36
CA GLU C 46 12.72 -14.59 1.11
C GLU C 46 11.40 -13.89 0.76
N TRP C 47 11.05 -12.83 1.48
CA TRP C 47 9.82 -12.08 1.19
C TRP C 47 9.98 -11.27 -0.10
N ILE C 48 8.95 -11.30 -0.96
CA ILE C 48 8.85 -10.50 -2.17
C ILE C 48 8.01 -9.23 -1.94
N GLY C 49 6.77 -9.45 -1.49
CA GLY C 49 5.87 -8.35 -1.20
C GLY C 49 4.52 -8.86 -0.75
N HIS C 50 3.60 -7.91 -0.55
CA HIS C 50 2.32 -8.12 0.12
C HIS C 50 1.24 -7.26 -0.53
N ILE C 51 0.03 -7.83 -0.66
CA ILE C 51 -1.14 -7.11 -1.13
C ILE C 51 -2.26 -7.27 -0.12
N GLY C 52 -2.83 -6.12 0.28
CA GLY C 52 -3.93 -6.09 1.21
C GLY C 52 -5.25 -6.51 0.58
N SER C 53 -6.25 -6.65 1.45
CA SER C 53 -7.53 -7.20 1.04
C SER C 53 -8.20 -6.33 -0.03
N SER C 54 -7.92 -5.03 -0.06
CA SER C 54 -8.48 -4.07 -1.00
C SER C 54 -7.44 -3.57 -1.98
N GLY C 55 -6.30 -4.25 -2.10
CA GLY C 55 -5.33 -3.95 -3.17
C GLY C 55 -4.12 -3.10 -2.80
N THR C 56 -3.98 -2.71 -1.52
CA THR C 56 -2.83 -1.91 -1.11
C THR C 56 -1.54 -2.74 -1.31
N GLN C 57 -0.46 -2.14 -1.86
CA GLN C 57 0.73 -2.89 -2.27
C GLN C 57 1.92 -2.48 -1.40
N TYR C 58 2.69 -3.50 -1.00
CA TYR C 58 3.96 -3.36 -0.27
C TYR C 58 5.00 -4.25 -0.97
N TYR C 59 6.25 -3.77 -1.12
CA TYR C 59 7.33 -4.54 -1.74
C TYR C 59 8.59 -4.58 -0.88
N ALA C 60 9.34 -5.71 -0.95
CA ALA C 60 10.75 -5.72 -0.56
C ALA C 60 11.54 -4.83 -1.53
N SER C 61 12.52 -4.08 -1.04
CA SER C 61 13.22 -3.14 -1.92
CA SER C 61 13.23 -3.16 -1.91
C SER C 61 13.87 -3.88 -3.10
N TRP C 62 14.44 -5.07 -2.84
CA TRP C 62 15.16 -5.82 -3.89
C TRP C 62 14.22 -6.24 -5.03
N ALA C 63 12.91 -6.33 -4.75
CA ALA C 63 11.91 -6.87 -5.68
C ALA C 63 11.33 -5.79 -6.58
N LYS C 64 11.63 -4.53 -6.33
CA LYS C 64 11.06 -3.46 -7.13
C LYS C 64 11.51 -3.59 -8.59
N GLY C 65 10.52 -3.54 -9.47
CA GLY C 65 10.73 -3.62 -10.90
C GLY C 65 11.01 -5.03 -11.39
N ARG C 66 10.93 -6.02 -10.48
CA ARG C 66 11.12 -7.44 -10.83
C ARG C 66 9.81 -8.23 -10.67
N PHE C 67 8.90 -7.76 -9.78
CA PHE C 67 7.67 -8.44 -9.42
C PHE C 67 6.55 -7.41 -9.27
N ALA C 68 5.35 -7.79 -9.72
CA ALA C 68 4.15 -6.98 -9.64
C ALA C 68 3.01 -7.84 -9.13
N ILE C 69 2.47 -7.48 -7.95
CA ILE C 69 1.37 -8.24 -7.35
C ILE C 69 0.08 -7.51 -7.69
N SER C 70 -0.94 -8.30 -8.03
CA SER C 70 -2.27 -7.79 -8.29
C SER C 70 -3.31 -8.74 -7.78
N ARG C 71 -4.58 -8.31 -7.78
CA ARG C 71 -5.66 -9.23 -7.38
C ARG C 71 -6.98 -8.82 -8.02
N ALA C 72 -7.92 -9.77 -8.08
CA ALA C 72 -9.31 -9.47 -8.41
C ALA C 72 -10.13 -10.67 -8.02
N SER C 73 -11.40 -10.47 -7.64
CA SER C 73 -12.35 -11.55 -7.36
C SER C 73 -11.74 -12.67 -6.52
N THR C 74 -11.34 -13.76 -7.22
CA THR C 74 -11.06 -15.10 -6.72
C THR C 74 -9.57 -15.47 -6.68
N THR C 75 -8.67 -14.51 -6.92
CA THR C 75 -7.31 -14.84 -7.25
C THR C 75 -6.38 -13.71 -6.80
N VAL C 76 -5.17 -14.03 -6.33
CA VAL C 76 -4.11 -13.05 -6.16
C VAL C 76 -2.96 -13.50 -7.03
N ASP C 77 -2.44 -12.59 -7.87
CA ASP C 77 -1.44 -12.94 -8.86
C ASP C 77 -0.09 -12.28 -8.58
N LEU C 78 0.98 -12.96 -9.03
CA LEU C 78 2.35 -12.47 -9.04
C LEU C 78 2.90 -12.50 -10.47
N ARG C 79 3.22 -11.33 -11.02
CA ARG C 79 3.91 -11.29 -12.29
C ARG C 79 5.40 -11.11 -12.05
N ILE C 80 6.15 -12.06 -12.60
CA ILE C 80 7.60 -11.99 -12.65
C ILE C 80 7.90 -11.23 -13.95
N THR C 81 8.38 -9.98 -13.81
CA THR C 81 8.33 -8.97 -14.85
CA THR C 81 8.29 -8.99 -14.88
C THR C 81 9.29 -9.26 -16.00
N GLY C 82 10.54 -9.62 -15.67
CA GLY C 82 11.59 -9.87 -16.63
C GLY C 82 12.63 -10.83 -16.05
N PRO C 83 12.29 -12.13 -15.97
CA PRO C 83 13.07 -13.06 -15.14
C PRO C 83 14.49 -13.35 -15.66
N THR C 84 15.35 -13.72 -14.69
CA THR C 84 16.69 -14.24 -14.95
C THR C 84 16.91 -15.52 -14.16
N THR C 85 18.07 -16.17 -14.36
CA THR C 85 18.38 -17.34 -13.56
C THR C 85 18.44 -17.01 -12.07
N GLU C 86 18.59 -15.73 -11.68
CA GLU C 86 18.43 -15.31 -10.31
C GLU C 86 17.07 -15.68 -9.72
N ASP C 87 16.08 -16.01 -10.58
CA ASP C 87 14.71 -16.14 -10.16
C ASP C 87 14.21 -17.57 -10.12
N THR C 88 15.08 -18.54 -10.46
CA THR C 88 14.77 -19.95 -10.27
C THR C 88 14.53 -20.22 -8.79
N ALA C 89 13.33 -20.68 -8.46
CA ALA C 89 12.90 -20.81 -7.07
C ALA C 89 11.49 -21.41 -7.00
N THR C 90 11.13 -21.93 -5.82
CA THR C 90 9.75 -22.23 -5.50
C THR C 90 9.10 -20.96 -4.93
N TYR C 91 7.90 -20.67 -5.44
CA TYR C 91 7.13 -19.48 -5.06
C TYR C 91 5.90 -19.91 -4.26
N PHE C 92 5.78 -19.30 -3.08
CA PHE C 92 4.67 -19.51 -2.15
C PHE C 92 3.83 -18.25 -1.98
N CYS C 93 2.53 -18.45 -1.86
CA CYS C 93 1.62 -17.45 -1.28
C CYS C 93 1.24 -17.81 0.17
N ALA C 94 0.98 -16.74 0.95
CA ALA C 94 0.82 -16.89 2.39
C ALA C 94 -0.20 -15.87 2.87
N ARG C 95 -1.23 -16.34 3.60
CA ARG C 95 -2.26 -15.48 4.17
C ARG C 95 -1.81 -14.94 5.53
N ARG C 96 -1.98 -13.64 5.72
CA ARG C 96 -1.78 -13.01 7.02
C ARG C 96 -2.85 -13.46 8.01
N GLY C 97 -2.42 -13.86 9.21
CA GLY C 97 -3.33 -14.23 10.30
C GLY C 97 -4.13 -13.03 10.83
N VAL C 98 -4.97 -13.34 11.82
CA VAL C 98 -5.83 -12.35 12.43
C VAL C 98 -5.03 -11.23 13.13
N GLY C 99 -5.57 -10.01 12.99
CA GLY C 99 -5.07 -8.85 13.69
C GLY C 99 -4.45 -7.81 12.78
N TYR C 100 -3.38 -7.16 13.27
CA TYR C 100 -2.71 -6.08 12.55
C TYR C 100 -1.25 -6.41 12.20
N ASN C 101 -0.75 -7.57 12.66
CA ASN C 101 0.67 -7.91 12.59
C ASN C 101 0.97 -8.77 11.38
N LEU C 102 2.17 -8.62 10.84
CA LEU C 102 2.55 -9.34 9.64
C LEU C 102 3.21 -10.66 10.05
N TYR C 103 2.36 -11.70 10.06
CA TYR C 103 2.73 -13.11 10.19
C TYR C 103 1.70 -13.91 9.41
N TYR C 104 2.00 -15.16 9.08
CA TYR C 104 1.19 -15.90 8.13
C TYR C 104 0.65 -17.15 8.79
N ASN C 105 -0.66 -17.42 8.69
CA ASN C 105 -1.24 -18.59 9.34
C ASN C 105 -1.55 -19.71 8.35
N MET C 106 -1.36 -19.48 7.05
CA MET C 106 -1.61 -20.47 6.03
C MET C 106 -0.72 -20.19 4.80
N TRP C 107 -0.10 -21.26 4.28
CA TRP C 107 0.74 -21.25 3.10
C TRP C 107 0.22 -22.29 2.10
N GLY C 108 0.50 -22.09 0.81
CA GLY C 108 0.47 -23.14 -0.18
C GLY C 108 1.73 -24.03 -0.16
N PRO C 109 1.74 -25.12 -0.95
CA PRO C 109 2.93 -25.96 -1.08
C PRO C 109 3.98 -25.47 -2.06
N GLY C 110 3.64 -24.39 -2.78
CA GLY C 110 4.59 -23.72 -3.65
C GLY C 110 4.44 -24.16 -5.11
N THR C 111 4.88 -23.30 -6.02
CA THR C 111 4.96 -23.65 -7.44
C THR C 111 6.40 -23.38 -7.93
N LEU C 112 7.00 -24.32 -8.69
CA LEU C 112 8.39 -24.18 -9.10
C LEU C 112 8.50 -23.42 -10.43
N VAL C 113 9.38 -22.40 -10.43
CA VAL C 113 9.74 -21.64 -11.62
C VAL C 113 11.21 -21.93 -11.91
N THR C 114 11.49 -22.28 -13.18
CA THR C 114 12.87 -22.44 -13.61
C THR C 114 13.10 -21.46 -14.74
N VAL C 115 14.20 -20.71 -14.66
CA VAL C 115 14.62 -19.78 -15.70
C VAL C 115 15.96 -20.24 -16.26
N SER C 116 15.96 -20.48 -17.58
CA SER C 116 17.15 -21.01 -18.24
C SER C 116 17.19 -20.62 -19.71
N LEU C 117 18.40 -20.47 -20.26
CA LEU C 117 18.54 -20.24 -21.70
C LEU C 117 18.16 -21.55 -22.39
N ALA C 133 18.52 -3.20 5.12
CA ALA C 133 19.76 -3.99 5.31
C ALA C 133 19.61 -4.89 6.54
N ILE C 134 18.60 -5.79 6.52
CA ILE C 134 18.24 -6.61 7.67
C ILE C 134 18.85 -8.00 7.59
N ASP C 135 19.52 -8.36 8.69
CA ASP C 135 20.05 -9.70 8.86
C ASP C 135 19.39 -10.36 10.06
N MET C 136 18.83 -11.54 9.83
CA MET C 136 18.33 -12.42 10.88
C MET C 136 19.15 -13.71 10.88
N THR C 137 19.87 -13.95 11.98
CA THR C 137 20.89 -14.99 12.04
C THR C 137 20.40 -16.06 12.99
N GLN C 138 20.21 -17.26 12.47
CA GLN C 138 19.76 -18.34 13.31
C GLN C 138 20.90 -19.30 13.65
N THR C 139 20.68 -20.18 14.64
CA THR C 139 21.63 -21.26 14.91
C THR C 139 22.07 -21.95 13.61
N PRO C 140 23.36 -22.29 13.47
CA PRO C 140 23.81 -22.99 12.26
C PRO C 140 23.16 -24.36 12.07
N SER C 141 22.88 -24.72 10.82
CA SER C 141 22.44 -26.07 10.46
C SER C 141 23.61 -27.01 10.35
N PRO C 142 23.38 -28.33 10.57
CA PRO C 142 22.17 -28.84 11.24
C PRO C 142 22.37 -28.82 12.74
N VAL C 143 21.27 -28.91 13.52
CA VAL C 143 21.37 -29.17 14.95
C VAL C 143 20.81 -30.56 15.21
N SER C 144 21.55 -31.37 15.98
CA SER C 144 21.10 -32.72 16.32
C SER C 144 20.40 -32.73 17.66
N ALA C 145 19.32 -33.54 17.73
CA ALA C 145 18.53 -33.72 18.93
C ALA C 145 18.10 -35.19 19.09
N ALA C 146 18.06 -35.69 20.33
CA ALA C 146 17.66 -37.07 20.60
C ALA C 146 16.14 -37.15 20.74
N VAL C 147 15.52 -38.27 20.34
CA VAL C 147 14.12 -38.50 20.65
C VAL C 147 13.90 -38.35 22.16
N GLY C 148 12.90 -37.56 22.56
CA GLY C 148 12.58 -37.35 23.96
C GLY C 148 13.41 -36.24 24.61
N GLY C 149 14.38 -35.68 23.87
CA GLY C 149 15.18 -34.59 24.39
C GLY C 149 14.55 -33.22 24.13
N THR C 150 15.30 -32.17 24.50
CA THR C 150 14.87 -30.80 24.31
C THR C 150 15.95 -30.04 23.54
N VAL C 151 15.56 -29.25 22.51
CA VAL C 151 16.50 -28.42 21.77
C VAL C 151 16.00 -26.97 21.70
N THR C 152 16.97 -26.04 21.74
CA THR C 152 16.69 -24.63 21.59
C THR C 152 17.40 -24.09 20.36
N ILE C 153 16.66 -23.28 19.58
CA ILE C 153 17.10 -22.65 18.36
C ILE C 153 17.09 -21.13 18.58
N ASN C 154 18.20 -20.45 18.24
CA ASN C 154 18.37 -19.02 18.37
C ASN C 154 17.98 -18.29 17.09
N CYS C 155 17.51 -17.03 17.26
CA CYS C 155 17.22 -16.11 16.17
C CYS C 155 17.58 -14.70 16.64
N GLN C 156 18.57 -14.09 15.99
CA GLN C 156 19.03 -12.73 16.32
C GLN C 156 18.77 -11.82 15.10
N ALA C 157 18.07 -10.74 15.31
CA ALA C 157 17.82 -9.75 14.28
C ALA C 157 18.76 -8.55 14.42
N SER C 158 19.26 -8.01 13.31
CA SER C 158 20.20 -6.92 13.29
C SER C 158 19.53 -5.62 13.73
N GLN C 159 18.22 -5.50 13.51
CA GLN C 159 17.43 -4.41 14.06
C GLN C 159 16.19 -5.03 14.68
N SER C 160 15.57 -4.30 15.62
CA SER C 160 14.46 -4.91 16.37
C SER C 160 13.24 -5.13 15.47
N VAL C 161 12.43 -6.10 15.86
CA VAL C 161 11.17 -6.36 15.19
C VAL C 161 10.13 -5.32 15.64
N TYR C 162 9.14 -5.11 14.77
CA TYR C 162 8.13 -4.10 15.04
C TYR C 162 7.41 -4.32 16.34
N ASN C 163 7.28 -3.23 17.09
CA ASN C 163 6.56 -3.24 18.35
C ASN C 163 7.12 -4.29 19.31
N SER C 164 8.44 -4.56 19.21
CA SER C 164 9.16 -5.45 20.13
C SER C 164 8.89 -6.94 19.98
N LYS C 165 7.67 -7.36 19.60
CA LYS C 165 7.24 -8.74 19.73
CA LYS C 165 7.25 -8.74 19.72
C LYS C 165 6.70 -9.34 18.43
N ASN C 166 6.73 -8.62 17.28
CA ASN C 166 6.10 -9.15 16.08
C ASN C 166 7.04 -10.10 15.35
N LEU C 167 7.19 -11.34 15.85
CA LEU C 167 8.14 -12.34 15.38
C LEU C 167 7.39 -13.68 15.39
N ALA C 168 7.46 -14.40 14.26
CA ALA C 168 6.83 -15.70 14.13
C ALA C 168 7.89 -16.76 13.80
N TRP C 169 7.49 -18.00 14.06
CA TRP C 169 8.26 -19.20 13.74
C TRP C 169 7.45 -20.14 12.85
N TYR C 170 8.13 -20.71 11.84
CA TYR C 170 7.57 -21.69 10.91
C TYR C 170 8.38 -22.96 10.95
N GLN C 171 7.66 -24.08 10.79
CA GLN C 171 8.25 -25.38 10.49
C GLN C 171 8.08 -25.70 9.00
N GLN C 172 9.14 -26.12 8.29
CA GLN C 172 9.08 -26.49 6.89
C GLN C 172 9.74 -27.86 6.67
N LYS C 173 8.93 -28.81 6.20
CA LYS C 173 9.38 -30.10 5.74
C LYS C 173 9.44 -30.06 4.22
N PRO C 174 10.37 -30.81 3.59
CA PRO C 174 10.48 -30.84 2.13
C PRO C 174 9.15 -31.13 1.43
N GLY C 175 8.82 -30.29 0.44
CA GLY C 175 7.64 -30.49 -0.39
C GLY C 175 6.34 -30.02 0.25
N GLN C 176 6.35 -29.63 1.53
CA GLN C 176 5.11 -29.37 2.25
C GLN C 176 4.92 -27.87 2.51
N PRO C 177 3.66 -27.37 2.68
CA PRO C 177 3.45 -25.97 3.04
C PRO C 177 4.14 -25.66 4.37
N PRO C 178 4.90 -24.55 4.49
CA PRO C 178 5.42 -24.12 5.79
C PRO C 178 4.22 -24.04 6.73
N LYS C 179 4.46 -24.33 8.01
CA LYS C 179 3.43 -24.35 9.01
C LYS C 179 3.77 -23.35 10.11
N LEU C 180 2.82 -22.46 10.44
CA LEU C 180 2.94 -21.56 11.56
C LEU C 180 2.95 -22.31 12.90
N LEU C 181 3.94 -22.02 13.76
CA LEU C 181 4.04 -22.64 15.08
C LEU C 181 3.69 -21.61 16.16
N ILE C 182 4.31 -20.43 16.02
CA ILE C 182 4.35 -19.41 17.06
C ILE C 182 4.21 -18.06 16.35
N TYR C 183 3.44 -17.13 16.89
CA TYR C 183 3.40 -15.76 16.39
C TYR C 183 3.42 -14.81 17.59
N ASP C 184 3.71 -13.55 17.33
CA ASP C 184 3.81 -12.56 18.40
C ASP C 184 4.78 -13.02 19.51
N SER C 185 5.90 -13.61 19.07
CA SER C 185 7.02 -14.12 19.85
CA SER C 185 7.00 -14.08 19.90
C SER C 185 6.71 -15.35 20.69
N SER C 186 5.49 -15.47 21.24
CA SER C 186 5.25 -16.52 22.22
C SER C 186 3.83 -17.11 22.15
N THR C 187 2.99 -16.69 21.19
CA THR C 187 1.63 -17.23 21.09
C THR C 187 1.61 -18.48 20.23
N LEU C 188 1.08 -19.57 20.81
CA LEU C 188 1.02 -20.87 20.14
C LEU C 188 -0.13 -20.81 19.13
N ALA C 189 0.15 -21.17 17.87
CA ALA C 189 -0.85 -21.16 16.82
C ALA C 189 -1.88 -22.25 17.09
N SER C 190 -3.09 -22.06 16.56
CA SER C 190 -4.18 -23.01 16.72
C SER C 190 -3.77 -24.39 16.24
N GLY C 191 -4.04 -25.42 17.06
CA GLY C 191 -3.82 -26.81 16.68
C GLY C 191 -2.37 -27.30 16.80
N VAL C 192 -1.47 -26.41 17.22
CA VAL C 192 -0.05 -26.75 17.31
C VAL C 192 0.26 -27.27 18.71
N SER C 193 1.15 -28.26 18.75
CA SER C 193 1.60 -28.93 19.96
C SER C 193 2.20 -27.96 20.97
N SER C 194 1.86 -28.21 22.23
CA SER C 194 2.34 -27.55 23.44
C SER C 194 3.86 -27.62 23.59
N ARG C 195 4.46 -28.60 22.90
CA ARG C 195 5.87 -28.92 22.97
C ARG C 195 6.73 -27.82 22.38
N PHE C 196 6.11 -26.96 21.55
CA PHE C 196 6.79 -25.80 20.99
C PHE C 196 6.58 -24.57 21.86
N ARG C 197 7.68 -23.88 22.21
CA ARG C 197 7.66 -22.66 23.01
C ARG C 197 8.51 -21.59 22.32
N GLY C 198 7.90 -20.40 22.16
CA GLY C 198 8.62 -19.23 21.67
C GLY C 198 8.87 -18.28 22.82
N SER C 199 10.06 -17.67 22.85
CA SER C 199 10.43 -16.66 23.84
C SER C 199 11.26 -15.56 23.18
N GLY C 200 11.43 -14.45 23.91
CA GLY C 200 12.30 -13.36 23.47
C GLY C 200 11.55 -12.06 23.19
N SER C 201 12.34 -11.08 22.76
CA SER C 201 11.89 -9.72 22.54
C SER C 201 12.96 -8.91 21.82
N GLY C 202 12.48 -7.90 21.06
CA GLY C 202 13.38 -6.96 20.46
C GLY C 202 14.20 -7.57 19.33
N THR C 203 15.47 -7.87 19.63
CA THR C 203 16.42 -8.43 18.69
C THR C 203 16.78 -9.90 18.95
N GLN C 204 16.28 -10.54 20.03
CA GLN C 204 16.75 -11.83 20.48
C GLN C 204 15.57 -12.77 20.77
N PHE C 205 15.55 -13.92 20.12
CA PHE C 205 14.41 -14.84 20.19
C PHE C 205 14.90 -16.27 20.20
N THR C 206 14.07 -17.15 20.79
CA THR C 206 14.36 -18.58 20.91
C THR C 206 13.09 -19.39 20.59
N LEU C 207 13.29 -20.54 19.92
CA LEU C 207 12.27 -21.58 19.81
C LEU C 207 12.76 -22.80 20.57
N THR C 208 11.98 -23.28 21.55
CA THR C 208 12.27 -24.51 22.27
C THR C 208 11.32 -25.62 21.82
N ILE C 209 11.92 -26.77 21.47
CA ILE C 209 11.16 -27.98 21.17
C ILE C 209 11.45 -28.97 22.30
N SER C 210 10.40 -29.27 23.10
CA SER C 210 10.45 -30.22 24.17
C SER C 210 9.94 -31.58 23.69
N GLY C 211 10.40 -32.66 24.37
CA GLY C 211 9.97 -33.99 24.02
C GLY C 211 10.07 -34.26 22.52
N VAL C 212 11.28 -34.06 21.99
CA VAL C 212 11.53 -34.15 20.57
C VAL C 212 11.04 -35.50 20.03
N GLN C 213 10.40 -35.45 18.85
CA GLN C 213 9.91 -36.65 18.17
C GLN C 213 10.50 -36.71 16.76
N SER C 214 10.52 -37.90 16.15
CA SER C 214 11.10 -38.10 14.83
C SER C 214 10.52 -37.15 13.78
N ASP C 215 9.22 -36.87 13.90
CA ASP C 215 8.45 -36.05 12.97
CA ASP C 215 8.54 -36.06 12.90
C ASP C 215 8.72 -34.56 13.17
N ASP C 216 9.59 -34.19 14.15
CA ASP C 216 10.03 -32.80 14.29
C ASP C 216 11.25 -32.51 13.42
N ALA C 217 11.78 -33.53 12.74
CA ALA C 217 12.80 -33.27 11.74
C ALA C 217 12.21 -32.36 10.65
N ALA C 218 12.88 -31.21 10.42
CA ALA C 218 12.37 -30.12 9.59
C ALA C 218 13.38 -28.97 9.64
N THR C 219 13.16 -27.93 8.81
CA THR C 219 13.87 -26.66 8.91
C THR C 219 12.93 -25.63 9.53
N TYR C 220 13.43 -24.98 10.58
CA TYR C 220 12.69 -23.97 11.32
C TYR C 220 13.18 -22.59 10.93
N TYR C 221 12.23 -21.69 10.66
CA TYR C 221 12.50 -20.31 10.27
C TYR C 221 11.84 -19.33 11.22
N CYS C 222 12.61 -18.34 11.70
CA CYS C 222 11.98 -17.18 12.32
C CYS C 222 11.67 -16.14 11.24
N GLN C 223 10.73 -15.25 11.55
CA GLN C 223 10.27 -14.26 10.58
C GLN C 223 9.78 -13.02 11.33
N GLY C 224 10.38 -11.86 11.03
CA GLY C 224 9.97 -10.63 11.70
C GLY C 224 9.09 -9.77 10.80
N GLU C 225 8.15 -9.05 11.42
CA GLU C 225 7.70 -7.77 10.87
C GLU C 225 8.66 -6.69 11.35
N PHE C 226 9.00 -5.73 10.46
CA PHE C 226 9.92 -4.64 10.75
C PHE C 226 9.28 -3.30 10.38
N SER C 227 9.72 -2.20 11.00
CA SER C 227 9.30 -0.86 10.65
C SER C 227 9.47 -0.64 9.15
N CYS C 228 8.39 -0.31 8.46
CA CYS C 228 8.43 -0.21 6.99
C CYS C 228 9.21 1.02 6.57
N SER C 229 9.42 1.99 7.48
CA SER C 229 10.24 3.17 7.22
C SER C 229 11.73 2.93 7.50
N SER C 230 12.06 1.75 8.03
CA SER C 230 13.42 1.42 8.42
C SER C 230 14.11 0.44 7.48
N GLY C 231 13.43 0.05 6.39
CA GLY C 231 13.82 -1.03 5.48
C GLY C 231 12.59 -1.83 5.14
N ASP C 232 12.76 -3.08 4.77
CA ASP C 232 11.61 -3.90 4.37
C ASP C 232 10.69 -4.20 5.53
N CYS C 233 9.40 -4.39 5.19
CA CYS C 233 8.38 -4.63 6.20
C CYS C 233 8.48 -6.02 6.85
N ALA C 234 9.19 -6.94 6.19
CA ALA C 234 9.32 -8.31 6.68
C ALA C 234 10.70 -8.84 6.32
N GLY C 235 11.18 -9.80 7.12
CA GLY C 235 12.37 -10.56 6.81
C GLY C 235 12.31 -11.95 7.46
N PHE C 236 13.20 -12.84 7.02
CA PHE C 236 13.29 -14.20 7.53
C PHE C 236 14.72 -14.53 7.94
N GLY C 237 14.83 -15.35 8.97
CA GLY C 237 16.11 -15.94 9.31
C GLY C 237 16.52 -16.97 8.25
N GLY C 238 17.79 -17.42 8.36
CA GLY C 238 18.34 -18.33 7.38
C GLY C 238 17.85 -19.78 7.42
N GLY C 239 17.17 -20.15 8.52
CA GLY C 239 16.63 -21.48 8.76
C GLY C 239 17.65 -22.34 9.51
N THR C 240 17.15 -23.13 10.46
CA THR C 240 17.90 -24.13 11.19
C THR C 240 17.25 -25.48 11.01
N GLU C 241 17.97 -26.44 10.40
CA GLU C 241 17.50 -27.80 10.27
C GLU C 241 17.78 -28.53 11.57
N VAL C 242 16.74 -29.20 12.09
CA VAL C 242 16.85 -30.15 13.16
C VAL C 242 16.89 -31.55 12.58
N VAL C 243 17.91 -32.35 12.97
CA VAL C 243 18.02 -33.76 12.61
C VAL C 243 17.84 -34.55 13.90
N VAL C 244 16.89 -35.48 13.91
CA VAL C 244 16.57 -36.26 15.08
C VAL C 244 17.37 -37.58 15.05
N GLU C 245 18.09 -37.84 16.15
CA GLU C 245 18.96 -39.00 16.27
C GLU C 245 18.21 -40.27 15.83
N ARG D 1 -0.33 3.71 25.99
CA ARG D 1 0.78 3.68 24.99
C ARG D 1 0.20 3.80 23.58
N PRO D 2 0.75 4.69 22.71
CA PRO D 2 0.35 4.70 21.29
C PRO D 2 0.63 3.38 20.57
N HIS D 3 -0.34 2.88 19.76
CA HIS D 3 -0.07 1.80 18.81
C HIS D 3 -0.27 2.30 17.38
N PHE D 4 0.64 1.87 16.50
CA PHE D 4 0.76 2.32 15.12
C PHE D 4 0.80 1.10 14.18
N PRO D 5 -0.34 0.40 13.96
CA PRO D 5 -0.31 -0.77 13.09
C PRO D 5 0.14 -0.35 11.70
N GLN D 6 0.87 -1.25 11.04
CA GLN D 6 1.38 -0.99 9.71
C GLN D 6 0.52 -1.60 8.58
N PHE D 7 -0.49 -2.39 8.93
CA PHE D 7 -1.39 -3.08 8.04
C PHE D 7 -2.83 -2.88 8.52
N TYR D 9 -6.76 -4.11 9.43
CA TYR D 9 -7.21 -5.21 10.25
C TYR D 9 -7.46 -6.43 9.34
N SER D 10 -6.99 -7.60 9.82
CA SER D 10 -7.25 -8.90 9.21
C SER D 10 -8.18 -9.73 10.08
N ALA D 11 -9.32 -10.20 9.51
CA ALA D 11 -10.26 -11.09 10.20
C ALA D 11 -9.82 -12.56 10.10
#